data_3BB5
#
_entry.id   3BB5
#
_cell.length_a   147.721
_cell.length_b   66.323
_cell.length_c   110.452
_cell.angle_alpha   90.000
_cell.angle_beta   93.410
_cell.angle_gamma   90.000
#
_symmetry.space_group_name_H-M   'C 1 2 1'
#
loop_
_entity.id
_entity.type
_entity.pdbx_description
1 polymer 'Stress responsive alpha-beta protein'
2 non-polymer 1,2-ETHANEDIOL
3 non-polymer 'CITRIC ACID'
4 water water
#
_entity_poly.entity_id   1
_entity_poly.type   'polypeptide(L)'
_entity_poly.pdbx_seq_one_letter_code
;(MSE)GSDKIHHHHHHENLYFQG(MSE)LYHLV(MSE)LEPEGEGA(MSE)DRI(MSE)EA(MSE)AILDGLAPELPGLT
EFRHGPNRDFEQKSERYPYGFLCTFTDKAALDAYAVHPTHQRAGG(MSE)LVASCRNGADGILVVDLEV
;
_entity_poly.pdbx_strand_id   A,B,C,D,E,F
#
# COMPACT_ATOMS: atom_id res chain seq x y z
N GLY A 19 -23.87 1.90 -7.97
CA GLY A 19 -23.96 0.55 -7.31
C GLY A 19 -22.60 -0.12 -7.08
N LEU A 21 -19.73 -3.04 -6.25
CA LEU A 21 -19.42 -4.29 -6.93
C LEU A 21 -18.41 -5.14 -6.17
N TYR A 22 -18.76 -6.40 -5.96
CA TYR A 22 -17.86 -7.37 -5.33
C TYR A 22 -17.39 -8.26 -6.46
N HIS A 23 -16.10 -8.14 -6.77
CA HIS A 23 -15.42 -8.83 -7.90
C HIS A 23 -14.71 -10.02 -7.30
N LEU A 24 -15.21 -11.23 -7.55
CA LEU A 24 -14.66 -12.44 -6.99
C LEU A 24 -14.01 -13.26 -8.09
N VAL A 25 -12.77 -13.67 -7.85
CA VAL A 25 -11.97 -14.38 -8.84
C VAL A 25 -11.50 -15.69 -8.20
N LEU A 27 -9.58 -19.42 -8.76
CA LEU A 27 -8.46 -19.82 -9.62
C LEU A 27 -8.33 -21.31 -9.56
N GLU A 28 -7.99 -21.90 -10.72
CA GLU A 28 -7.72 -23.33 -10.91
C GLU A 28 -6.22 -23.52 -11.31
N PRO A 29 -5.30 -23.59 -10.31
CA PRO A 29 -3.86 -23.72 -10.63
C PRO A 29 -3.54 -24.93 -11.49
N GLU A 30 -2.57 -24.79 -12.40
CA GLU A 30 -2.14 -25.88 -13.25
CA GLU A 30 -2.14 -25.90 -13.27
C GLU A 30 -0.64 -25.79 -13.52
N GLY A 31 0.08 -26.86 -13.18
CA GLY A 31 1.51 -26.96 -13.50
C GLY A 31 2.48 -26.64 -12.37
N GLU A 32 3.76 -26.92 -12.65
CA GLU A 32 4.87 -26.67 -11.73
C GLU A 32 4.97 -25.15 -11.50
N GLY A 33 5.13 -24.80 -10.22
CA GLY A 33 5.22 -23.41 -9.79
C GLY A 33 3.99 -22.53 -10.03
N ALA A 34 2.80 -23.13 -10.17
CA ALA A 34 1.58 -22.35 -10.39
C ALA A 34 1.23 -21.51 -9.14
N ASP A 36 3.17 -20.63 -6.58
CA ASP A 36 4.23 -19.65 -6.40
C ASP A 36 3.99 -18.38 -7.24
N ARG A 37 3.65 -18.56 -8.51
CA ARG A 37 3.43 -17.42 -9.40
C ARG A 37 2.18 -16.66 -8.97
N ILE A 38 1.16 -17.41 -8.58
CA ILE A 38 -0.10 -16.83 -8.09
C ILE A 38 0.13 -16.02 -6.85
N GLU A 40 3.05 -14.50 -6.00
CA GLU A 40 3.64 -13.23 -6.50
C GLU A 40 2.58 -12.28 -7.06
N ALA A 41 1.62 -12.80 -7.83
CA ALA A 41 0.52 -11.98 -8.36
C ALA A 41 -0.33 -11.37 -7.22
N ALA A 43 0.83 -10.54 -4.15
CA ALA A 43 1.67 -9.47 -3.61
C ALA A 43 1.65 -8.26 -4.51
N ILE A 44 1.64 -8.49 -5.82
CA ILE A 44 1.53 -7.39 -6.79
C ILE A 44 0.17 -6.64 -6.65
N LEU A 45 -0.91 -7.39 -6.55
CA LEU A 45 -2.24 -6.81 -6.30
C LEU A 45 -2.45 -6.16 -4.92
N ASP A 46 -1.87 -6.73 -3.86
CA ASP A 46 -1.84 -6.08 -2.54
C ASP A 46 -1.22 -4.67 -2.60
N GLY A 47 -0.15 -4.55 -3.39
CA GLY A 47 0.50 -3.26 -3.60
C GLY A 47 -0.32 -2.29 -4.37
N LEU A 48 -1.05 -2.76 -5.38
CA LEU A 48 -1.89 -1.90 -6.17
C LEU A 48 -3.14 -1.35 -5.45
N ALA A 49 -3.85 -2.18 -4.69
CA ALA A 49 -5.14 -1.80 -4.08
C ALA A 49 -5.17 -0.40 -3.40
N PRO A 50 -4.19 -0.09 -2.50
CA PRO A 50 -4.11 1.23 -1.82
C PRO A 50 -3.92 2.40 -2.74
N GLU A 51 -3.55 2.14 -3.99
CA GLU A 51 -3.25 3.16 -4.96
C GLU A 51 -4.43 3.45 -5.85
N LEU A 52 -5.50 2.68 -5.67
CA LEU A 52 -6.76 2.83 -6.44
C LEU A 52 -7.84 3.19 -5.46
N PRO A 53 -8.26 4.46 -5.45
CA PRO A 53 -9.22 4.90 -4.45
C PRO A 53 -10.59 4.23 -4.51
N GLY A 54 -11.01 3.83 -5.70
CA GLY A 54 -12.28 3.14 -5.87
C GLY A 54 -12.29 1.67 -5.53
N LEU A 55 -11.12 1.09 -5.20
CA LEU A 55 -11.00 -0.33 -4.73
C LEU A 55 -10.85 -0.27 -3.23
N THR A 56 -11.95 -0.47 -2.52
CA THR A 56 -11.99 -0.21 -1.11
C THR A 56 -11.41 -1.34 -0.24
N GLU A 57 -11.37 -2.56 -0.77
CA GLU A 57 -10.84 -3.70 -0.04
C GLU A 57 -10.42 -4.82 -1.01
N PHE A 58 -9.25 -5.39 -0.74
CA PHE A 58 -8.67 -6.47 -1.51
C PHE A 58 -8.23 -7.57 -0.52
N ARG A 59 -8.70 -8.77 -0.75
CA ARG A 59 -8.48 -9.92 0.11
C ARG A 59 -8.27 -11.19 -0.71
N HIS A 60 -7.40 -12.06 -0.23
CA HIS A 60 -7.07 -13.30 -0.95
C HIS A 60 -6.75 -14.43 0.02
N GLY A 61 -7.02 -15.68 -0.40
CA GLY A 61 -6.59 -16.81 0.40
C GLY A 61 -6.99 -18.17 -0.13
N PRO A 62 -6.55 -19.24 0.54
CA PRO A 62 -7.01 -20.56 0.18
C PRO A 62 -8.48 -20.69 0.38
N ASN A 63 -9.08 -21.49 -0.48
CA ASN A 63 -10.43 -21.98 -0.31
C ASN A 63 -10.42 -23.24 0.58
N ARG A 64 -10.90 -23.08 1.82
CA ARG A 64 -11.06 -24.18 2.74
C ARG A 64 -12.26 -25.07 2.38
N ASP A 65 -13.18 -24.56 1.56
CA ASP A 65 -14.27 -25.38 1.00
C ASP A 65 -14.80 -26.41 1.99
N PHE A 66 -15.28 -25.92 3.12
CA PHE A 66 -15.67 -26.81 4.20
C PHE A 66 -16.77 -27.83 3.83
N GLU A 67 -17.59 -27.49 2.85
CA GLU A 67 -18.71 -28.37 2.40
C GLU A 67 -18.43 -29.17 1.13
N GLN A 68 -17.21 -29.02 0.62
CA GLN A 68 -16.73 -29.75 -0.58
C GLN A 68 -17.59 -29.48 -1.80
N LYS A 69 -17.95 -28.22 -1.99
CA LYS A 69 -18.79 -27.78 -3.12
C LYS A 69 -18.10 -26.79 -4.07
N SER A 70 -16.77 -26.71 -4.00
CA SER A 70 -15.97 -25.90 -4.91
C SER A 70 -14.53 -26.41 -5.01
N GLU A 71 -14.37 -27.73 -5.01
CA GLU A 71 -13.05 -28.40 -4.98
C GLU A 71 -12.12 -28.10 -6.17
N ARG A 72 -12.68 -27.61 -7.26
CA ARG A 72 -11.96 -27.19 -8.43
C ARG A 72 -11.12 -25.94 -8.20
N TYR A 73 -11.50 -25.11 -7.23
CA TYR A 73 -10.89 -23.79 -7.04
C TYR A 73 -10.23 -23.70 -5.70
N PRO A 74 -8.95 -24.06 -5.63
CA PRO A 74 -8.32 -24.09 -4.34
C PRO A 74 -7.87 -22.70 -3.81
N TYR A 75 -7.99 -21.63 -4.60
CA TYR A 75 -7.51 -20.29 -4.20
C TYR A 75 -8.34 -19.20 -4.89
N GLY A 76 -8.58 -18.10 -4.18
CA GLY A 76 -9.35 -17.02 -4.78
C GLY A 76 -9.12 -15.68 -4.15
N PHE A 77 -9.70 -14.68 -4.76
CA PHE A 77 -9.64 -13.35 -4.20
C PHE A 77 -10.90 -12.54 -4.44
N LEU A 78 -11.00 -11.43 -3.72
CA LEU A 78 -12.16 -10.53 -3.71
C LEU A 78 -11.68 -9.07 -3.78
N CYS A 79 -12.19 -8.33 -4.76
CA CYS A 79 -12.09 -6.88 -4.76
C CYS A 79 -13.47 -6.30 -4.58
N THR A 80 -13.57 -5.34 -3.68
CA THR A 80 -14.77 -4.56 -3.50
CA THR A 80 -14.79 -4.58 -3.58
C THR A 80 -14.54 -3.19 -4.19
N PHE A 81 -15.39 -2.84 -5.15
CA PHE A 81 -15.33 -1.54 -5.84
C PHE A 81 -16.52 -0.67 -5.53
N THR A 82 -16.25 0.63 -5.47
CA THR A 82 -17.28 1.61 -5.29
C THR A 82 -18.32 1.55 -6.43
N ASP A 83 -17.83 1.29 -7.64
CA ASP A 83 -18.64 1.32 -8.84
C ASP A 83 -17.89 0.74 -10.03
N LYS A 84 -18.59 0.67 -11.15
CA LYS A 84 -18.04 0.18 -12.40
C LYS A 84 -16.85 1.01 -12.90
N ALA A 85 -16.89 2.33 -12.75
CA ALA A 85 -15.76 3.14 -13.12
C ALA A 85 -14.50 2.65 -12.39
N ALA A 86 -14.65 2.31 -11.09
CA ALA A 86 -13.56 1.77 -10.26
C ALA A 86 -13.05 0.43 -10.79
N LEU A 87 -13.99 -0.48 -11.13
CA LEU A 87 -13.64 -1.79 -11.72
C LEU A 87 -12.83 -1.63 -13.01
N ASP A 88 -13.24 -0.69 -13.86
CA ASP A 88 -12.55 -0.40 -15.12
C ASP A 88 -11.19 0.23 -14.94
N ALA A 89 -11.05 1.09 -13.93
CA ALA A 89 -9.76 1.67 -13.59
C ALA A 89 -8.77 0.59 -13.22
N TYR A 90 -9.26 -0.41 -12.50
CA TYR A 90 -8.46 -1.56 -12.08
C TYR A 90 -8.08 -2.46 -13.25
N ALA A 91 -9.06 -2.77 -14.10
CA ALA A 91 -8.88 -3.57 -15.29
C ALA A 91 -7.68 -3.10 -16.12
N VAL A 92 -7.61 -1.80 -16.37
CA VAL A 92 -6.68 -1.24 -17.32
C VAL A 92 -5.34 -0.88 -16.74
N HIS A 93 -5.21 -0.83 -15.41
CA HIS A 93 -3.97 -0.38 -14.82
C HIS A 93 -2.85 -1.39 -15.17
N PRO A 94 -1.64 -0.89 -15.54
CA PRO A 94 -0.55 -1.79 -15.94
C PRO A 94 -0.17 -2.84 -14.91
N THR A 95 -0.22 -2.51 -13.63
CA THR A 95 0.02 -3.50 -12.55
C THR A 95 -0.96 -4.66 -12.59
N HIS A 96 -2.23 -4.38 -12.83
CA HIS A 96 -3.22 -5.44 -12.88
C HIS A 96 -3.15 -6.30 -14.17
N GLN A 97 -2.87 -5.64 -15.29
CA GLN A 97 -2.66 -6.38 -16.52
C GLN A 97 -1.49 -7.34 -16.41
N ARG A 98 -0.41 -6.93 -15.75
CA ARG A 98 0.69 -7.86 -15.47
C ARG A 98 0.29 -9.02 -14.55
N ALA A 99 -0.32 -8.71 -13.42
CA ALA A 99 -0.80 -9.72 -12.47
C ALA A 99 -1.79 -10.68 -13.15
N GLY A 100 -2.73 -10.14 -13.94
CA GLY A 100 -3.71 -10.93 -14.71
C GLY A 100 -3.05 -11.92 -15.66
N GLY A 101 -2.01 -11.46 -16.35
CA GLY A 101 -1.22 -12.31 -17.23
C GLY A 101 -0.56 -13.48 -16.54
N LEU A 103 -1.65 -14.87 -13.77
CA LEU A 103 -2.73 -15.76 -13.27
C LEU A 103 -3.18 -16.67 -14.38
N VAL A 104 -3.29 -16.11 -15.58
CA VAL A 104 -3.67 -16.87 -16.77
C VAL A 104 -2.61 -17.89 -17.12
N ALA A 105 -1.34 -17.53 -16.95
CA ALA A 105 -0.22 -18.45 -17.18
C ALA A 105 -0.13 -19.57 -16.13
N SER A 106 -0.77 -19.36 -14.98
CA SER A 106 -0.75 -20.29 -13.85
C SER A 106 -2.00 -21.17 -13.74
N CYS A 107 -2.98 -21.01 -14.62
CA CYS A 107 -4.22 -21.75 -14.48
C CYS A 107 -4.51 -22.68 -15.62
N ARG A 108 -5.39 -23.62 -15.30
CA ARG A 108 -5.80 -24.66 -16.23
C ARG A 108 -6.50 -24.09 -17.46
N ASN A 109 -5.93 -24.39 -18.63
CA ASN A 109 -6.41 -23.87 -19.92
C ASN A 109 -6.47 -22.35 -19.95
N GLY A 110 -5.62 -21.71 -19.16
CA GLY A 110 -5.52 -20.27 -19.17
C GLY A 110 -6.72 -19.64 -18.54
N ALA A 111 -7.30 -18.70 -19.28
CA ALA A 111 -8.43 -17.89 -18.82
C ALA A 111 -9.63 -18.76 -18.49
N ASP A 112 -9.73 -19.93 -19.15
CA ASP A 112 -10.81 -20.88 -18.85
C ASP A 112 -10.73 -21.48 -17.44
N GLY A 113 -9.56 -21.41 -16.80
CA GLY A 113 -9.43 -21.88 -15.39
C GLY A 113 -9.59 -20.79 -14.36
N ILE A 114 -10.23 -19.69 -14.77
CA ILE A 114 -10.48 -18.54 -13.92
C ILE A 114 -11.97 -18.18 -14.03
N LEU A 115 -12.67 -18.32 -12.90
CA LEU A 115 -14.08 -17.94 -12.69
C LEU A 115 -14.16 -16.53 -12.14
N VAL A 116 -14.91 -15.64 -12.79
CA VAL A 116 -15.03 -14.28 -12.31
C VAL A 116 -16.55 -13.99 -12.19
N VAL A 117 -16.95 -13.59 -10.97
CA VAL A 117 -18.29 -13.14 -10.62
C VAL A 117 -18.23 -11.64 -10.32
N ASP A 118 -19.25 -10.90 -10.70
CA ASP A 118 -19.30 -9.46 -10.38
C ASP A 118 -20.64 -9.16 -9.72
N LEU A 119 -20.71 -9.24 -8.40
CA LEU A 119 -21.99 -9.13 -7.75
C LEU A 119 -22.27 -7.68 -7.48
N GLU A 120 -23.48 -7.22 -7.85
CA GLU A 120 -23.89 -5.85 -7.55
C GLU A 120 -24.69 -5.94 -6.26
N VAL A 121 -24.13 -5.42 -5.17
CA VAL A 121 -24.66 -5.66 -3.82
C VAL A 121 -25.13 -4.35 -3.17
N GLY B 19 -7.49 -15.61 10.14
CA GLY B 19 -8.47 -16.72 10.31
C GLY B 19 -9.89 -16.32 9.88
N LEU B 21 -13.10 -15.54 7.52
CA LEU B 21 -13.66 -16.39 6.48
C LEU B 21 -14.66 -15.67 5.58
N TYR B 22 -14.40 -15.66 4.27
CA TYR B 22 -15.36 -15.16 3.29
C TYR B 22 -16.10 -16.37 2.70
N HIS B 23 -17.38 -16.51 3.07
CA HIS B 23 -18.27 -17.59 2.64
C HIS B 23 -19.14 -17.10 1.48
N LEU B 24 -18.84 -17.60 0.29
CA LEU B 24 -19.43 -17.12 -0.96
C LEU B 24 -20.34 -18.22 -1.53
N VAL B 25 -21.61 -17.88 -1.77
CA VAL B 25 -22.58 -18.80 -2.36
C VAL B 25 -23.12 -18.30 -3.70
N LEU B 27 -25.51 -19.19 -7.10
CA LEU B 27 -26.71 -19.95 -7.26
C LEU B 27 -27.03 -20.15 -8.72
N GLU B 28 -27.49 -21.36 -9.07
CA GLU B 28 -28.08 -21.66 -10.36
C GLU B 28 -29.60 -21.87 -10.27
N PRO B 29 -30.40 -20.80 -10.31
CA PRO B 29 -31.83 -20.99 -10.15
C PRO B 29 -32.43 -21.91 -11.24
N GLU B 30 -33.33 -22.79 -10.84
CA GLU B 30 -33.93 -23.74 -11.74
C GLU B 30 -35.40 -23.73 -11.46
N GLY B 31 -36.19 -23.36 -12.46
CA GLY B 31 -37.62 -23.50 -12.38
C GLY B 31 -38.32 -22.18 -12.26
N GLU B 32 -39.65 -22.28 -12.41
CA GLU B 32 -40.59 -21.17 -12.30
C GLU B 32 -40.74 -20.88 -10.84
N GLY B 33 -40.50 -19.62 -10.46
CA GLY B 33 -40.61 -19.23 -9.08
C GLY B 33 -39.33 -19.45 -8.33
N ALA B 34 -38.27 -19.86 -9.02
CA ALA B 34 -37.00 -20.11 -8.35
C ALA B 34 -36.49 -18.81 -7.70
N ASP B 36 -38.14 -15.95 -7.05
CA ASP B 36 -39.09 -15.55 -6.04
C ASP B 36 -38.76 -16.16 -4.67
N ARG B 37 -38.46 -17.46 -4.65
CA ARG B 37 -38.11 -18.18 -3.41
C ARG B 37 -36.74 -17.81 -2.87
N ILE B 38 -35.82 -17.51 -3.78
CA ILE B 38 -34.48 -17.10 -3.44
C ILE B 38 -34.52 -15.71 -2.77
N GLU B 40 -37.10 -14.50 -1.07
CA GLU B 40 -37.63 -14.87 0.25
C GLU B 40 -36.53 -15.36 1.18
N ALA B 41 -35.64 -16.21 0.67
CA ALA B 41 -34.53 -16.76 1.48
C ALA B 41 -33.55 -15.65 1.83
N ALA B 43 -34.37 -12.52 2.31
CA ALA B 43 -35.00 -11.68 3.32
C ALA B 43 -34.81 -12.32 4.72
N ILE B 44 -34.92 -13.63 4.78
CA ILE B 44 -34.68 -14.40 5.99
C ILE B 44 -33.24 -14.17 6.47
N LEU B 45 -32.28 -14.33 5.58
CA LEU B 45 -30.89 -14.09 5.93
C LEU B 45 -30.61 -12.62 6.29
N ASP B 46 -31.24 -11.65 5.61
CA ASP B 46 -31.11 -10.24 6.06
C ASP B 46 -31.53 -10.06 7.49
N GLY B 47 -32.65 -10.63 7.89
CA GLY B 47 -33.12 -10.48 9.29
C GLY B 47 -32.30 -11.22 10.33
N LEU B 48 -31.65 -12.33 9.92
CA LEU B 48 -30.83 -13.19 10.79
C LEU B 48 -29.42 -12.66 11.04
N ALA B 49 -28.79 -12.10 9.99
CA ALA B 49 -27.41 -11.64 10.01
C ALA B 49 -27.09 -10.74 11.21
N PRO B 50 -27.91 -9.69 11.45
CA PRO B 50 -27.81 -8.85 12.65
C PRO B 50 -27.88 -9.58 14.02
N GLU B 51 -28.47 -10.78 14.08
CA GLU B 51 -28.52 -11.53 15.34
C GLU B 51 -27.29 -12.43 15.54
N LEU B 52 -26.40 -12.51 14.53
CA LEU B 52 -25.22 -13.41 14.55
C LEU B 52 -24.01 -12.53 14.61
N PRO B 53 -23.40 -12.43 15.81
CA PRO B 53 -22.34 -11.43 16.04
C PRO B 53 -21.00 -11.71 15.32
N GLY B 54 -20.72 -12.98 15.01
CA GLY B 54 -19.51 -13.28 14.27
C GLY B 54 -19.70 -13.12 12.77
N LEU B 55 -20.94 -12.92 12.33
CA LEU B 55 -21.26 -12.62 10.94
C LEU B 55 -21.25 -11.10 10.76
N THR B 56 -20.10 -10.55 10.37
CA THR B 56 -19.89 -9.10 10.38
C THR B 56 -20.44 -8.36 9.15
N GLU B 57 -20.68 -9.10 8.07
CA GLU B 57 -21.21 -8.52 6.85
C GLU B 57 -21.94 -9.58 6.03
N PHE B 58 -23.13 -9.24 5.52
CA PHE B 58 -23.89 -10.10 4.66
C PHE B 58 -24.38 -9.30 3.48
N ARG B 59 -23.93 -9.64 2.28
CA ARG B 59 -24.35 -8.95 1.04
C ARG B 59 -24.80 -9.93 -0.04
N HIS B 60 -25.63 -9.47 -0.95
CA HIS B 60 -26.11 -10.31 -2.04
C HIS B 60 -26.64 -9.49 -3.21
N GLY B 61 -26.59 -10.03 -4.42
CA GLY B 61 -27.18 -9.37 -5.53
C GLY B 61 -26.96 -10.14 -6.79
N PRO B 62 -27.44 -9.61 -7.94
CA PRO B 62 -27.22 -10.27 -9.23
C PRO B 62 -25.78 -10.22 -9.68
N ASN B 63 -25.38 -11.26 -10.38
CA ASN B 63 -24.08 -11.32 -11.01
C ASN B 63 -24.14 -10.67 -12.39
N ARG B 64 -23.56 -9.46 -12.48
CA ARG B 64 -23.42 -8.71 -13.72
C ARG B 64 -22.44 -9.36 -14.67
N ASP B 65 -21.52 -10.15 -14.12
CA ASP B 65 -20.60 -10.95 -14.92
C ASP B 65 -20.10 -10.21 -16.17
N PHE B 66 -19.30 -9.17 -15.97
CA PHE B 66 -18.96 -8.26 -17.04
C PHE B 66 -18.07 -8.95 -18.10
N GLU B 67 -17.26 -9.92 -17.67
CA GLU B 67 -16.37 -10.65 -18.57
C GLU B 67 -17.00 -11.94 -19.17
N GLN B 68 -18.28 -12.20 -18.86
CA GLN B 68 -19.03 -13.40 -19.29
C GLN B 68 -18.30 -14.68 -18.87
N LYS B 69 -17.78 -14.70 -17.64
CA LYS B 69 -16.95 -15.81 -17.14
C LYS B 69 -17.62 -16.60 -16.03
N SER B 70 -18.93 -16.40 -15.85
CA SER B 70 -19.70 -17.08 -14.79
C SER B 70 -21.22 -17.04 -15.08
N GLU B 71 -21.59 -17.27 -16.34
CA GLU B 71 -22.98 -17.07 -16.82
C GLU B 71 -24.00 -17.97 -16.11
N ARG B 72 -23.53 -19.16 -15.80
CA ARG B 72 -24.14 -20.17 -14.93
C ARG B 72 -24.81 -19.65 -13.66
N TYR B 73 -24.18 -18.69 -12.99
CA TYR B 73 -24.58 -18.19 -11.68
C TYR B 73 -25.12 -16.74 -11.73
N PRO B 74 -26.42 -16.54 -12.06
CA PRO B 74 -26.98 -15.20 -12.12
C PRO B 74 -27.16 -14.46 -10.81
N TYR B 75 -27.04 -15.15 -9.69
CA TYR B 75 -27.23 -14.50 -8.40
C TYR B 75 -26.30 -15.12 -7.36
N GLY B 76 -25.89 -14.32 -6.38
CA GLY B 76 -25.11 -14.84 -5.29
C GLY B 76 -25.04 -13.99 -4.04
N PHE B 77 -24.33 -14.48 -3.04
CA PHE B 77 -24.16 -13.74 -1.79
C PHE B 77 -22.86 -14.06 -1.07
N LEU B 78 -22.45 -13.12 -0.23
CA LEU B 78 -21.26 -13.22 0.57
C LEU B 78 -21.58 -13.00 2.04
N CYS B 79 -21.09 -13.89 2.91
CA CYS B 79 -21.06 -13.69 4.34
C CYS B 79 -19.63 -13.68 4.82
N THR B 80 -19.29 -12.64 5.56
CA THR B 80 -17.99 -12.47 6.16
C THR B 80 -18.12 -12.95 7.64
N PHE B 81 -17.30 -13.92 8.03
CA PHE B 81 -17.28 -14.43 9.41
C PHE B 81 -15.96 -14.12 10.06
N THR B 82 -15.99 -13.80 11.34
CA THR B 82 -14.76 -13.47 12.10
C THR B 82 -13.83 -14.69 12.23
N ASP B 83 -14.42 -15.87 12.29
CA ASP B 83 -13.70 -17.11 12.48
C ASP B 83 -14.59 -18.32 12.20
N LYS B 84 -14.01 -19.52 12.27
CA LYS B 84 -14.75 -20.78 12.03
C LYS B 84 -15.91 -21.04 13.02
N ALA B 85 -15.76 -20.62 14.27
CA ALA B 85 -16.82 -20.77 15.26
C ALA B 85 -18.06 -19.96 14.83
N ALA B 86 -17.81 -18.78 14.25
CA ALA B 86 -18.85 -17.90 13.72
C ALA B 86 -19.55 -18.53 12.50
N LEU B 87 -18.78 -19.08 11.56
CA LEU B 87 -19.37 -19.82 10.46
C LEU B 87 -20.19 -21.02 10.93
N ASP B 88 -19.72 -21.72 11.95
CA ASP B 88 -20.41 -22.89 12.48
C ASP B 88 -21.73 -22.50 13.14
N ALA B 89 -21.75 -21.36 13.84
CA ALA B 89 -22.94 -20.84 14.52
C ALA B 89 -24.04 -20.51 13.51
N TYR B 90 -23.64 -19.92 12.39
CA TYR B 90 -24.51 -19.69 11.25
C TYR B 90 -24.99 -21.02 10.62
N ALA B 91 -24.06 -21.94 10.36
CA ALA B 91 -24.37 -23.27 9.82
C ALA B 91 -25.52 -23.96 10.54
N VAL B 92 -25.40 -24.08 11.87
CA VAL B 92 -26.35 -24.78 12.73
C VAL B 92 -27.63 -23.99 13.11
N HIS B 93 -27.68 -22.70 12.84
CA HIS B 93 -28.85 -21.88 13.19
C HIS B 93 -30.06 -22.33 12.42
N PRO B 94 -31.17 -22.67 13.12
CA PRO B 94 -32.33 -23.20 12.40
C PRO B 94 -32.92 -22.27 11.32
N THR B 95 -32.72 -20.95 11.47
CA THR B 95 -33.21 -19.96 10.51
C THR B 95 -32.37 -19.94 9.25
N HIS B 96 -31.07 -20.10 9.43
CA HIS B 96 -30.19 -20.30 8.27
C HIS B 96 -30.54 -21.60 7.47
N GLN B 97 -30.79 -22.68 8.21
CA GLN B 97 -31.11 -23.96 7.61
C GLN B 97 -32.40 -23.92 6.81
N ARG B 98 -33.39 -23.23 7.34
CA ARG B 98 -34.61 -22.98 6.61
C ARG B 98 -34.38 -22.31 5.28
N ALA B 99 -33.64 -21.21 5.31
CA ALA B 99 -33.25 -20.44 4.12
C ALA B 99 -32.37 -21.23 3.16
N GLY B 100 -31.40 -21.98 3.68
CA GLY B 100 -30.60 -22.90 2.88
C GLY B 100 -31.35 -24.04 2.21
N GLY B 101 -32.37 -24.59 2.84
CA GLY B 101 -33.25 -25.57 2.21
C GLY B 101 -34.00 -24.94 1.05
N LEU B 103 -32.94 -22.45 -0.89
CA LEU B 103 -31.96 -22.22 -1.94
C LEU B 103 -31.75 -23.55 -2.69
N VAL B 104 -31.46 -24.61 -1.95
CA VAL B 104 -31.29 -25.93 -2.53
C VAL B 104 -32.47 -26.30 -3.44
N ALA B 105 -33.69 -26.18 -2.93
CA ALA B 105 -34.88 -26.57 -3.66
C ALA B 105 -35.21 -25.62 -4.84
N SER B 106 -34.55 -24.46 -4.88
CA SER B 106 -34.69 -23.46 -5.95
C SER B 106 -33.62 -23.55 -7.06
N CYS B 107 -32.59 -24.38 -6.86
CA CYS B 107 -31.49 -24.50 -7.81
C CYS B 107 -31.52 -25.77 -8.58
N ARG B 108 -30.78 -25.75 -9.69
CA ARG B 108 -30.70 -26.85 -10.63
C ARG B 108 -30.13 -28.14 -10.05
N ASN B 109 -30.91 -29.21 -10.16
CA ASN B 109 -30.52 -30.50 -9.61
C ASN B 109 -30.23 -30.43 -8.12
N GLY B 110 -30.91 -29.51 -7.43
CA GLY B 110 -30.77 -29.33 -5.98
C GLY B 110 -29.51 -28.57 -5.58
N ALA B 111 -28.75 -29.19 -4.67
CA ALA B 111 -27.50 -28.60 -4.15
C ALA B 111 -26.41 -28.69 -5.18
N ASP B 112 -26.58 -29.52 -6.21
CA ASP B 112 -25.67 -29.52 -7.37
C ASP B 112 -25.60 -28.16 -8.09
N GLY B 113 -26.62 -27.32 -7.88
CA GLY B 113 -26.71 -26.05 -8.57
C GLY B 113 -26.22 -24.92 -7.71
N ILE B 114 -25.44 -25.25 -6.69
CA ILE B 114 -24.94 -24.24 -5.75
C ILE B 114 -23.45 -24.46 -5.58
N LEU B 115 -22.68 -23.42 -5.86
CA LEU B 115 -21.26 -23.33 -5.59
C LEU B 115 -21.03 -22.60 -4.26
N VAL B 116 -20.22 -23.18 -3.37
CA VAL B 116 -19.92 -22.57 -2.07
C VAL B 116 -18.39 -22.53 -1.89
N VAL B 117 -17.83 -21.33 -1.82
CA VAL B 117 -16.41 -21.12 -1.50
C VAL B 117 -16.28 -20.67 -0.02
N ASP B 118 -15.18 -21.05 0.66
CA ASP B 118 -14.80 -20.49 1.99
C ASP B 118 -13.36 -20.02 2.00
N LEU B 119 -13.13 -18.80 1.53
CA LEU B 119 -11.78 -18.26 1.50
C LEU B 119 -11.28 -17.86 2.89
N GLU B 120 -10.14 -18.40 3.35
CA GLU B 120 -9.56 -17.95 4.62
C GLU B 120 -8.56 -16.82 4.35
N VAL B 121 -8.90 -15.62 4.79
CA VAL B 121 -8.24 -14.40 4.32
C VAL B 121 -7.62 -13.66 5.50
N GLY C 19 -11.65 30.97 7.09
CA GLY C 19 -11.08 30.66 5.74
C GLY C 19 -9.69 30.07 5.85
N LEU C 21 -6.80 27.53 7.21
CA LEU C 21 -6.86 26.07 7.37
C LEU C 21 -5.72 25.50 8.24
N TYR C 22 -6.10 24.70 9.23
CA TYR C 22 -5.19 23.97 10.12
C TYR C 22 -5.18 22.51 9.74
N HIS C 23 -4.11 22.12 9.03
CA HIS C 23 -3.85 20.79 8.58
C HIS C 23 -3.04 20.01 9.64
N LEU C 24 -3.69 19.08 10.30
CA LEU C 24 -3.12 18.34 11.40
C LEU C 24 -3.00 16.87 11.02
N VAL C 25 -1.80 16.32 11.14
CA VAL C 25 -1.48 14.98 10.67
C VAL C 25 -0.94 14.20 11.87
N LEU C 27 0.33 10.43 13.31
CA LEU C 27 1.05 9.31 12.75
C LEU C 27 1.02 8.13 13.71
N GLU C 28 0.87 6.95 13.14
CA GLU C 28 0.97 5.66 13.81
C GLU C 28 2.21 4.86 13.35
N PRO C 29 3.41 5.23 13.83
CA PRO C 29 4.66 4.62 13.35
C PRO C 29 4.68 3.09 13.46
N GLU C 30 5.25 2.40 12.48
CA GLU C 30 5.39 0.93 12.55
C GLU C 30 6.76 0.54 12.02
N GLY C 31 7.51 -0.22 12.80
CA GLY C 31 8.82 -0.72 12.38
C GLY C 31 9.99 -0.12 13.14
N GLU C 32 11.10 -0.87 13.18
CA GLU C 32 12.32 -0.50 13.92
C GLU C 32 12.82 0.96 13.66
N GLY C 33 12.88 1.38 12.40
CA GLY C 33 13.40 2.72 12.12
C GLY C 33 12.37 3.78 11.80
N ALA C 34 11.09 3.52 12.11
CA ALA C 34 10.04 4.36 11.58
C ALA C 34 10.22 5.81 12.05
N ASP C 36 12.97 7.51 12.96
CA ASP C 36 14.07 8.14 12.25
C ASP C 36 13.63 8.61 10.87
N ARG C 37 12.93 7.76 10.13
CA ARG C 37 12.39 8.14 8.82
C ARG C 37 11.38 9.29 8.95
N ILE C 38 10.55 9.27 9.96
CA ILE C 38 9.56 10.32 10.18
C ILE C 38 10.25 11.67 10.44
N GLU C 40 13.30 12.57 9.41
CA GLU C 40 13.88 13.01 8.14
C GLU C 40 12.81 13.61 7.21
N ALA C 41 11.61 13.06 7.24
CA ALA C 41 10.44 13.67 6.55
C ALA C 41 10.16 15.07 7.12
N ALA C 43 12.33 17.15 8.50
CA ALA C 43 13.42 17.97 8.01
C ALA C 43 13.17 18.40 6.55
N ILE C 44 12.68 17.48 5.72
CA ILE C 44 12.24 17.82 4.37
C ILE C 44 11.14 18.90 4.36
N LEU C 45 10.19 18.81 5.30
CA LEU C 45 9.15 19.80 5.44
C LEU C 45 9.64 21.16 6.04
N ASP C 46 10.66 21.20 6.89
CA ASP C 46 11.22 22.47 7.38
C ASP C 46 11.87 23.29 6.29
N GLY C 47 12.58 22.60 5.41
CA GLY C 47 13.20 23.22 4.24
C GLY C 47 12.17 23.74 3.25
N LEU C 48 11.09 22.96 3.06
CA LEU C 48 9.99 23.34 2.19
C LEU C 48 9.17 24.54 2.66
N ALA C 49 8.76 24.55 3.93
CA ALA C 49 7.85 25.57 4.48
C ALA C 49 8.21 27.04 4.13
N PRO C 50 9.47 27.47 4.36
CA PRO C 50 9.88 28.80 3.89
C PRO C 50 9.55 29.13 2.44
N GLU C 51 9.49 28.11 1.58
CA GLU C 51 9.30 28.30 0.14
C GLU C 51 7.83 28.39 -0.27
N LEU C 52 6.92 28.09 0.66
CA LEU C 52 5.51 28.16 0.43
C LEU C 52 5.00 29.33 1.25
N PRO C 53 4.73 30.48 0.59
CA PRO C 53 4.28 31.70 1.28
C PRO C 53 2.91 31.56 1.94
N GLY C 54 2.05 30.73 1.36
CA GLY C 54 0.76 30.39 1.93
C GLY C 54 0.79 29.47 3.15
N LEU C 55 1.94 28.84 3.42
CA LEU C 55 2.17 28.00 4.62
C LEU C 55 2.84 28.85 5.71
N THR C 56 2.01 29.23 6.67
CA THR C 56 2.35 30.25 7.64
C THR C 56 3.10 29.66 8.84
N GLU C 57 2.85 28.39 9.14
CA GLU C 57 3.45 27.79 10.32
C GLU C 57 3.50 26.29 10.19
N PHE C 58 4.62 25.72 10.63
CA PHE C 58 4.86 24.28 10.60
C PHE C 58 5.45 23.82 11.95
N ARG C 59 4.75 22.91 12.63
CA ARG C 59 5.17 22.45 13.94
C ARG C 59 4.95 20.96 14.07
N HIS C 60 5.92 20.28 14.63
CA HIS C 60 5.80 18.87 14.86
C HIS C 60 6.33 18.51 16.26
N GLY C 61 5.82 17.42 16.79
CA GLY C 61 6.33 16.87 18.03
C GLY C 61 5.55 15.70 18.53
N PRO C 62 6.04 15.07 19.61
CA PRO C 62 5.41 13.86 20.13
C PRO C 62 4.10 14.17 20.79
N ASN C 63 3.14 13.25 20.64
CA ASN C 63 1.85 13.33 21.33
C ASN C 63 2.04 12.78 22.73
N ARG C 64 2.10 13.69 23.70
CA ARG C 64 2.18 13.34 25.10
C ARG C 64 0.84 12.81 25.71
N ASP C 65 -0.27 13.09 25.04
CA ASP C 65 -1.57 12.47 25.34
C ASP C 65 -1.84 12.33 26.84
N PHE C 66 -1.99 13.49 27.51
CA PHE C 66 -2.11 13.52 28.98
C PHE C 66 -3.36 12.84 29.49
N GLU C 67 -4.40 12.75 28.66
CA GLU C 67 -5.67 12.09 29.04
C GLU C 67 -5.81 10.65 28.48
N GLN C 68 -4.81 10.15 27.76
CA GLN C 68 -4.85 8.82 27.13
C GLN C 68 -6.05 8.66 26.19
N LYS C 69 -6.35 9.68 25.37
CA LYS C 69 -7.45 9.60 24.40
C LYS C 69 -6.94 9.53 22.99
N SER C 70 -5.66 9.19 22.80
CA SER C 70 -5.06 9.11 21.46
C SER C 70 -3.76 8.28 21.42
N GLU C 71 -3.69 7.19 22.18
CA GLU C 71 -2.42 6.47 22.35
C GLU C 71 -1.89 5.84 21.07
N ARG C 72 -2.80 5.66 20.12
CA ARG C 72 -2.51 5.18 18.75
C ARG C 72 -1.58 6.09 17.95
N TYR C 73 -1.61 7.38 18.24
CA TYR C 73 -0.82 8.37 17.52
C TYR C 73 0.25 9.04 18.38
N PRO C 74 1.44 8.43 18.54
CA PRO C 74 2.52 9.03 19.36
C PRO C 74 3.25 10.24 18.79
N TYR C 75 2.96 10.61 17.56
CA TYR C 75 3.61 11.73 16.93
C TYR C 75 2.65 12.37 15.94
N GLY C 76 2.82 13.66 15.71
CA GLY C 76 2.07 14.38 14.71
C GLY C 76 2.66 15.74 14.39
N PHE C 77 2.04 16.43 13.44
CA PHE C 77 2.44 17.80 13.10
C PHE C 77 1.28 18.67 12.61
N LEU C 78 1.47 19.99 12.63
CA LEU C 78 0.49 21.01 12.22
C LEU C 78 1.08 21.91 11.11
N CYS C 79 0.37 22.03 9.99
CA CYS C 79 0.59 23.07 8.99
C CYS C 79 -0.54 24.03 8.94
N THR C 80 -0.24 25.31 9.12
CA THR C 80 -1.22 26.37 9.03
C THR C 80 -1.17 26.97 7.62
N PHE C 81 -2.32 26.99 6.96
CA PHE C 81 -2.43 27.51 5.59
C PHE C 81 -3.37 28.71 5.51
N THR C 82 -2.98 29.70 4.73
CA THR C 82 -3.82 30.84 4.43
C THR C 82 -5.17 30.45 3.81
N ASP C 83 -5.13 29.57 2.83
CA ASP C 83 -6.35 29.15 2.18
C ASP C 83 -6.17 27.77 1.60
N LYS C 84 -7.26 27.28 1.01
CA LYS C 84 -7.33 26.05 0.24
C LYS C 84 -6.29 25.99 -0.91
N ALA C 85 -6.11 27.10 -1.61
CA ALA C 85 -5.13 27.23 -2.70
C ALA C 85 -3.73 26.97 -2.17
N ALA C 86 -3.43 27.56 -1.01
CA ALA C 86 -2.16 27.34 -0.32
C ALA C 86 -1.99 25.87 0.07
N LEU C 87 -3.02 25.30 0.67
CA LEU C 87 -3.01 23.85 0.97
C LEU C 87 -2.71 22.99 -0.28
N ASP C 88 -3.38 23.31 -1.38
CA ASP C 88 -3.25 22.55 -2.64
C ASP C 88 -1.84 22.62 -3.20
N ALA C 89 -1.25 23.81 -3.10
CA ALA C 89 0.09 24.07 -3.59
C ALA C 89 1.12 23.23 -2.84
N TYR C 90 0.88 23.03 -1.55
CA TYR C 90 1.69 22.16 -0.70
C TYR C 90 1.47 20.67 -1.04
N ALA C 91 0.20 20.28 -1.21
CA ALA C 91 -0.16 18.91 -1.55
C ALA C 91 0.54 18.38 -2.80
N VAL C 92 0.53 19.17 -3.89
CA VAL C 92 1.09 18.75 -5.19
C VAL C 92 2.61 18.96 -5.29
N HIS C 93 3.20 19.78 -4.42
CA HIS C 93 4.62 20.06 -4.49
C HIS C 93 5.43 18.77 -4.47
N PRO C 94 6.39 18.62 -5.43
CA PRO C 94 7.23 17.42 -5.49
C PRO C 94 7.98 17.10 -4.20
N THR C 95 8.52 18.10 -3.51
CA THR C 95 9.21 17.90 -2.22
C THR C 95 8.24 17.45 -1.10
N HIS C 96 7.02 17.96 -1.12
CA HIS C 96 6.04 17.46 -0.19
C HIS C 96 5.71 16.01 -0.52
N GLN C 97 5.56 15.68 -1.79
CA GLN C 97 5.25 14.30 -2.19
C GLN C 97 6.26 13.26 -1.70
N ARG C 98 7.53 13.64 -1.66
CA ARG C 98 8.60 12.79 -1.12
C ARG C 98 8.47 12.55 0.39
N ALA C 99 8.20 13.64 1.13
CA ALA C 99 7.86 13.58 2.56
C ALA C 99 6.60 12.76 2.78
N GLY C 100 5.54 13.06 2.04
CA GLY C 100 4.34 12.24 2.05
C GLY C 100 4.61 10.74 1.94
N GLY C 101 5.42 10.30 0.96
CA GLY C 101 5.72 8.90 0.77
C GLY C 101 6.48 8.30 1.94
N LEU C 103 6.24 9.26 5.08
CA LEU C 103 5.23 9.10 6.12
C LEU C 103 4.38 7.86 5.89
N VAL C 104 3.89 7.67 4.69
CA VAL C 104 3.07 6.49 4.37
C VAL C 104 3.85 5.21 4.68
N ALA C 105 5.09 5.11 4.18
CA ALA C 105 5.89 3.91 4.37
C ALA C 105 6.38 3.72 5.82
N SER C 106 6.30 4.75 6.64
CA SER C 106 6.67 4.66 8.09
C SER C 106 5.52 4.27 9.02
N CYS C 107 4.29 4.25 8.51
CA CYS C 107 3.13 4.00 9.34
C CYS C 107 2.49 2.62 9.21
N ARG C 108 1.82 2.23 10.29
CA ARG C 108 1.15 0.94 10.35
C ARG C 108 0.11 0.87 9.24
N ASN C 109 0.20 -0.17 8.41
CA ASN C 109 -0.69 -0.36 7.27
C ASN C 109 -0.71 0.83 6.31
N GLY C 110 0.44 1.47 6.12
CA GLY C 110 0.55 2.57 5.18
C GLY C 110 -0.31 3.76 5.52
N ALA C 111 -1.15 4.18 4.58
CA ALA C 111 -1.95 5.43 4.68
C ALA C 111 -3.05 5.30 5.72
N ASP C 112 -3.42 4.07 6.03
CA ASP C 112 -4.34 3.77 7.12
C ASP C 112 -3.80 4.16 8.50
N GLY C 113 -2.47 4.34 8.62
CA GLY C 113 -1.86 4.66 9.88
C GLY C 113 -1.68 6.15 10.02
N ILE C 114 -2.29 6.93 9.12
CA ILE C 114 -2.27 8.40 9.15
C ILE C 114 -3.71 8.93 9.32
N LEU C 115 -3.88 9.86 10.30
CA LEU C 115 -5.10 10.64 10.51
C LEU C 115 -4.81 12.04 10.07
N VAL C 116 -5.58 12.55 9.10
CA VAL C 116 -5.46 13.95 8.66
C VAL C 116 -6.78 14.68 8.99
N VAL C 117 -6.68 15.80 9.73
CA VAL C 117 -7.77 16.74 10.02
C VAL C 117 -7.47 18.06 9.29
N ASP C 118 -8.48 18.69 8.70
CA ASP C 118 -8.35 20.03 8.06
C ASP C 118 -9.36 21.01 8.67
N LEU C 119 -9.05 21.63 9.80
CA LEU C 119 -9.98 22.52 10.46
C LEU C 119 -10.04 23.86 9.74
N GLU C 120 -11.25 24.33 9.38
CA GLU C 120 -11.37 25.67 8.81
C GLU C 120 -11.77 26.62 9.92
N VAL C 121 -10.79 27.42 10.33
CA VAL C 121 -10.85 28.19 11.58
C VAL C 121 -10.91 29.67 11.26
N ASN D 14 6.26 8.04 27.81
CA ASN D 14 6.12 9.14 26.80
C ASN D 14 5.75 10.44 27.52
N LEU D 15 6.72 10.95 28.27
CA LEU D 15 6.49 11.95 29.31
C LEU D 15 6.91 13.35 28.88
N TYR D 16 6.07 14.34 29.11
CA TYR D 16 6.44 15.77 28.93
C TYR D 16 7.90 16.14 29.32
N PHE D 17 8.56 16.91 28.47
CA PHE D 17 9.92 17.42 28.70
C PHE D 17 9.84 18.93 28.57
N GLN D 18 10.17 19.68 29.58
CA GLN D 18 9.70 21.08 29.59
C GLN D 18 9.83 21.73 28.15
N GLY D 19 8.63 22.15 27.62
CA GLY D 19 8.33 22.73 26.26
C GLY D 19 6.82 23.17 25.98
N LEU D 21 2.91 23.45 24.12
CA LEU D 21 1.92 22.37 23.84
C LEU D 21 0.72 22.78 22.97
N TYR D 22 0.44 22.00 21.94
CA TYR D 22 -0.74 22.14 21.06
C TYR D 22 -1.72 21.07 21.44
N HIS D 23 -2.82 21.50 22.04
CA HIS D 23 -3.89 20.67 22.56
C HIS D 23 -5.03 20.70 21.54
N LEU D 24 -5.24 19.56 20.89
CA LEU D 24 -6.20 19.42 19.81
C LEU D 24 -7.33 18.52 20.29
N VAL D 25 -8.55 19.02 20.18
CA VAL D 25 -9.76 18.28 20.58
C VAL D 25 -10.67 18.13 19.35
N LEU D 27 -14.22 16.28 17.93
CA LEU D 27 -15.48 15.92 18.54
C LEU D 27 -16.31 15.02 17.63
N GLU D 28 -16.97 14.05 18.19
CA GLU D 28 -17.89 13.17 17.47
C GLU D 28 -19.32 13.45 17.95
N PRO D 29 -19.97 14.51 17.42
CA PRO D 29 -21.28 14.89 17.99
C PRO D 29 -22.38 13.86 17.78
N GLU D 30 -23.20 13.69 18.80
CA GLU D 30 -24.28 12.73 18.80
C GLU D 30 -25.50 13.34 19.49
N GLY D 31 -26.65 13.23 18.83
CA GLY D 31 -27.92 13.60 19.42
C GLY D 31 -28.46 14.91 18.91
N GLU D 32 -29.76 15.10 19.12
CA GLU D 32 -30.46 16.31 18.72
C GLU D 32 -29.87 17.46 19.51
N GLY D 33 -29.58 18.55 18.82
CA GLY D 33 -28.96 19.70 19.47
C GLY D 33 -27.49 19.58 19.85
N ALA D 34 -26.81 18.47 19.53
CA ALA D 34 -25.36 18.31 19.85
C ALA D 34 -24.51 19.52 19.39
N ASP D 36 -25.43 22.59 18.43
CA ASP D 36 -25.82 23.82 19.12
C ASP D 36 -25.12 23.91 20.45
N ARG D 37 -25.06 22.80 21.19
CA ARG D 37 -24.46 22.79 22.49
C ARG D 37 -22.93 22.93 22.39
N ILE D 38 -22.36 22.34 21.34
CA ILE D 38 -20.93 22.43 21.08
C ILE D 38 -20.53 23.89 20.74
N GLU D 40 -22.18 26.59 21.77
CA GLU D 40 -22.25 27.30 23.06
C GLU D 40 -20.92 27.18 23.85
N ALA D 41 -20.40 25.98 23.90
CA ALA D 41 -19.16 25.61 24.61
C ALA D 41 -18.01 26.29 23.94
N ALA D 43 -18.19 29.27 22.37
CA ALA D 43 -18.35 30.68 22.77
C ALA D 43 -17.86 30.96 24.22
N ILE D 44 -18.18 30.05 25.13
CA ILE D 44 -17.63 30.02 26.46
C ILE D 44 -16.09 29.98 26.47
N LEU D 45 -15.49 29.01 25.77
CA LEU D 45 -14.04 28.87 25.67
C LEU D 45 -13.37 30.06 24.93
N ASP D 46 -14.03 30.62 23.92
CA ASP D 46 -13.60 31.89 23.31
C ASP D 46 -13.49 33.01 24.33
N GLY D 47 -14.47 33.13 25.22
CA GLY D 47 -14.41 34.06 26.33
C GLY D 47 -13.30 33.79 27.33
N LEU D 48 -13.05 32.52 27.63
CA LEU D 48 -11.98 32.11 28.58
C LEU D 48 -10.52 32.39 28.16
N ALA D 49 -10.17 32.12 26.89
CA ALA D 49 -8.77 32.16 26.39
C ALA D 49 -8.00 33.48 26.66
N PRO D 50 -8.65 34.64 26.41
CA PRO D 50 -8.01 35.92 26.71
C PRO D 50 -7.79 36.15 28.21
N GLU D 51 -8.42 35.35 29.06
CA GLU D 51 -8.27 35.47 30.48
C GLU D 51 -7.27 34.50 31.06
N LEU D 52 -6.71 33.60 30.25
CA LEU D 52 -5.67 32.66 30.67
C LEU D 52 -4.42 33.05 29.92
N PRO D 53 -3.41 33.63 30.63
CA PRO D 53 -2.20 34.15 30.00
C PRO D 53 -1.34 33.10 29.30
N GLY D 54 -1.40 31.85 29.75
CA GLY D 54 -0.64 30.76 29.15
C GLY D 54 -1.36 30.04 28.03
N LEU D 55 -2.60 30.46 27.74
CA LEU D 55 -3.37 29.97 26.57
C LEU D 55 -3.33 31.07 25.53
N THR D 56 -2.46 30.84 24.56
CA THR D 56 -1.92 31.82 23.64
C THR D 56 -2.76 32.01 22.37
N GLU D 57 -3.53 30.98 22.05
CA GLU D 57 -4.36 31.01 20.88
C GLU D 57 -5.41 29.92 21.04
N PHE D 58 -6.64 30.27 20.69
CA PHE D 58 -7.74 29.35 20.66
C PHE D 58 -8.50 29.53 19.33
N ARG D 59 -8.62 28.43 18.59
CA ARG D 59 -9.29 28.40 17.30
C ARG D 59 -10.18 27.20 17.27
N HIS D 60 -11.32 27.34 16.62
CA HIS D 60 -12.26 26.24 16.47
C HIS D 60 -12.95 26.33 15.13
N GLY D 61 -13.41 25.20 14.61
CA GLY D 61 -14.19 25.20 13.38
C GLY D 61 -14.42 23.83 12.82
N PRO D 62 -15.17 23.75 11.71
CA PRO D 62 -15.48 22.46 11.09
C PRO D 62 -14.26 21.79 10.48
N ASN D 63 -14.26 20.47 10.49
CA ASN D 63 -13.25 19.63 9.82
C ASN D 63 -13.68 19.37 8.39
N ARG D 64 -12.99 19.97 7.44
CA ARG D 64 -13.33 19.85 6.04
C ARG D 64 -12.79 18.55 5.47
N ASP D 65 -11.76 18.01 6.13
CA ASP D 65 -11.24 16.70 5.83
C ASP D 65 -11.18 16.41 4.34
N PHE D 66 -10.31 17.12 3.66
CA PHE D 66 -10.24 17.05 2.21
C PHE D 66 -9.73 15.71 1.70
N GLU D 67 -8.99 14.98 2.54
CA GLU D 67 -8.53 13.63 2.17
C GLU D 67 -9.42 12.48 2.67
N GLN D 68 -10.49 12.79 3.38
CA GLN D 68 -11.42 11.79 3.90
C GLN D 68 -10.76 10.81 4.89
N LYS D 69 -9.88 11.33 5.74
CA LYS D 69 -9.09 10.51 6.67
C LYS D 69 -9.46 10.71 8.16
N SER D 70 -10.60 11.37 8.41
CA SER D 70 -11.05 11.67 9.76
C SER D 70 -12.52 12.01 9.82
N GLU D 71 -13.34 11.28 9.07
CA GLU D 71 -14.74 11.63 8.89
C GLU D 71 -15.61 11.44 10.12
N ARG D 72 -15.17 10.58 11.02
CA ARG D 72 -15.69 10.47 12.39
C ARG D 72 -15.82 11.80 13.16
N TYR D 73 -14.92 12.76 12.90
CA TYR D 73 -14.82 14.00 13.67
C TYR D 73 -15.12 15.23 12.83
N PRO D 74 -16.40 15.64 12.73
CA PRO D 74 -16.75 16.83 11.93
C PRO D 74 -16.37 18.22 12.49
N TYR D 75 -15.95 18.32 13.74
CA TYR D 75 -15.70 19.62 14.35
C TYR D 75 -14.55 19.42 15.33
N GLY D 76 -13.72 20.45 15.47
CA GLY D 76 -12.69 20.45 16.48
C GLY D 76 -12.15 21.81 16.87
N PHE D 77 -11.25 21.77 17.85
CA PHE D 77 -10.52 22.96 18.25
C PHE D 77 -9.08 22.71 18.65
N LEU D 78 -8.29 23.78 18.56
CA LEU D 78 -6.89 23.81 18.99
C LEU D 78 -6.64 24.89 20.04
N CYS D 79 -6.02 24.50 21.17
CA CYS D 79 -5.43 25.44 22.12
C CYS D 79 -3.90 25.34 22.06
N THR D 80 -3.22 26.48 22.03
CA THR D 80 -1.80 26.59 22.13
C THR D 80 -1.47 27.04 23.53
N PHE D 81 -0.68 26.24 24.25
CA PHE D 81 -0.27 26.53 25.63
C PHE D 81 1.22 26.76 25.70
N THR D 82 1.63 27.78 26.43
CA THR D 82 3.05 28.03 26.69
C THR D 82 3.80 26.83 27.28
N ASP D 83 3.13 26.09 28.17
CA ASP D 83 3.72 24.92 28.83
C ASP D 83 2.64 24.10 29.49
N LYS D 84 3.05 23.01 30.13
CA LYS D 84 2.12 22.11 30.84
C LYS D 84 1.46 22.81 32.04
N ALA D 85 2.16 23.76 32.66
CA ALA D 85 1.59 24.56 33.74
C ALA D 85 0.33 25.25 33.22
N ALA D 86 0.47 25.91 32.08
CA ALA D 86 -0.63 26.58 31.39
C ALA D 86 -1.78 25.66 31.02
N LEU D 87 -1.47 24.48 30.50
CA LEU D 87 -2.51 23.49 30.24
C LEU D 87 -3.27 23.08 31.51
N ASP D 88 -2.55 22.85 32.60
CA ASP D 88 -3.13 22.41 33.85
C ASP D 88 -4.07 23.48 34.45
N ALA D 89 -3.69 24.75 34.28
CA ALA D 89 -4.46 25.89 34.73
C ALA D 89 -5.80 25.99 34.00
N TYR D 90 -5.77 25.67 32.71
CA TYR D 90 -6.96 25.66 31.87
C TYR D 90 -7.85 24.50 32.25
N ALA D 91 -7.23 23.35 32.50
CA ALA D 91 -7.96 22.13 32.87
C ALA D 91 -8.87 22.38 34.07
N VAL D 92 -8.32 22.98 35.13
CA VAL D 92 -9.05 23.20 36.39
C VAL D 92 -9.94 24.46 36.45
N HIS D 93 -9.80 25.36 35.48
CA HIS D 93 -10.53 26.61 35.52
C HIS D 93 -12.00 26.30 35.43
N PRO D 94 -12.83 26.89 36.34
CA PRO D 94 -14.25 26.50 36.34
C PRO D 94 -15.01 26.66 35.01
N THR D 95 -14.60 27.63 34.18
CA THR D 95 -15.17 27.88 32.86
C THR D 95 -14.87 26.75 31.92
N HIS D 96 -13.62 26.27 31.94
CA HIS D 96 -13.28 25.08 31.19
C HIS D 96 -14.05 23.83 31.63
N GLN D 97 -14.13 23.62 32.93
CA GLN D 97 -14.96 22.57 33.52
C GLN D 97 -16.46 22.54 33.12
N ARG D 98 -17.08 23.70 33.03
CA ARG D 98 -18.44 23.69 32.54
C ARG D 98 -18.53 23.31 31.08
N ALA D 99 -17.65 23.87 30.26
CA ALA D 99 -17.67 23.70 28.79
C ALA D 99 -17.31 22.28 28.43
N GLY D 100 -16.35 21.72 29.17
CA GLY D 100 -15.95 20.34 29.05
C GLY D 100 -17.11 19.40 29.30
N GLY D 101 -17.95 19.73 30.26
CA GLY D 101 -19.15 18.90 30.55
C GLY D 101 -20.17 18.99 29.42
N LEU D 103 -19.44 19.50 26.22
CA LEU D 103 -18.86 18.73 25.11
C LEU D 103 -19.07 17.22 25.31
N VAL D 104 -18.80 16.73 26.51
CA VAL D 104 -19.09 15.31 26.85
C VAL D 104 -20.59 15.00 26.64
N ALA D 105 -21.47 15.86 27.17
CA ALA D 105 -22.92 15.73 26.98
C ALA D 105 -23.38 15.67 25.52
N SER D 106 -22.56 16.19 24.61
CA SER D 106 -22.90 16.38 23.20
C SER D 106 -22.26 15.38 22.25
N CYS D 107 -21.43 14.47 22.76
CA CYS D 107 -20.70 13.51 21.92
C CYS D 107 -21.09 12.08 22.14
N ARG D 108 -20.80 11.25 21.14
CA ARG D 108 -21.14 9.84 21.13
C ARG D 108 -20.39 9.09 22.19
N ASN D 109 -21.14 8.42 23.07
CA ASN D 109 -20.61 7.69 24.25
C ASN D 109 -19.76 8.62 25.11
N GLY D 110 -20.18 9.88 25.18
CA GLY D 110 -19.55 10.89 26.03
C GLY D 110 -18.10 11.12 25.69
N ALA D 111 -17.23 10.93 26.69
CA ALA D 111 -15.79 11.14 26.56
C ALA D 111 -15.15 10.24 25.49
N ASP D 112 -15.78 9.09 25.18
CA ASP D 112 -15.32 8.21 24.11
C ASP D 112 -15.43 8.80 22.70
N GLY D 113 -16.23 9.85 22.53
CA GLY D 113 -16.38 10.50 21.23
C GLY D 113 -15.62 11.79 21.21
N ILE D 114 -14.57 11.86 22.02
CA ILE D 114 -13.67 13.03 22.04
C ILE D 114 -12.22 12.49 21.92
N LEU D 115 -11.55 12.90 20.84
CA LEU D 115 -10.12 12.64 20.64
C LEU D 115 -9.30 13.83 21.13
N VAL D 116 -8.42 13.62 22.09
CA VAL D 116 -7.51 14.69 22.53
C VAL D 116 -6.08 14.27 22.18
N VAL D 117 -5.34 15.23 21.61
CA VAL D 117 -3.95 15.13 21.23
C VAL D 117 -3.22 16.30 21.90
N ASP D 118 -2.10 16.03 22.56
CA ASP D 118 -1.26 17.08 23.17
C ASP D 118 0.14 17.02 22.58
N LEU D 119 0.36 17.73 21.48
CA LEU D 119 1.67 17.72 20.82
C LEU D 119 2.68 18.65 21.52
N GLU D 120 3.83 18.12 21.95
CA GLU D 120 4.89 18.94 22.51
C GLU D 120 5.79 19.44 21.37
N VAL D 121 5.64 20.72 21.03
CA VAL D 121 6.19 21.36 19.82
C VAL D 121 7.15 22.48 20.19
N GLN E 18 27.48 9.78 -25.77
CA GLN E 18 26.58 9.95 -24.59
C GLN E 18 25.36 9.04 -24.76
N GLY E 19 25.53 7.75 -24.38
CA GLY E 19 24.55 6.69 -24.61
C GLY E 19 23.43 6.51 -23.59
N LEU E 21 21.17 4.89 -20.41
CA LEU E 21 21.45 4.71 -18.98
C LEU E 21 20.56 3.63 -18.38
N TYR E 22 21.23 2.67 -17.74
CA TYR E 22 20.59 1.56 -17.04
C TYR E 22 20.65 1.92 -15.55
N HIS E 23 19.53 2.47 -15.04
CA HIS E 23 19.32 2.84 -13.68
C HIS E 23 18.82 1.66 -12.84
N LEU E 24 19.76 1.07 -12.09
CA LEU E 24 19.46 -0.09 -11.23
C LEU E 24 19.30 0.31 -9.75
N VAL E 25 18.20 -0.08 -9.14
CA VAL E 25 17.92 0.19 -7.74
C VAL E 25 17.68 -1.12 -6.98
N LEU E 27 17.28 -2.76 -3.09
CA LEU E 27 16.62 -2.27 -1.89
C LEU E 27 16.98 -3.19 -0.72
N GLU E 28 17.29 -2.60 0.44
CA GLU E 28 17.43 -3.35 1.71
C GLU E 28 16.24 -3.12 2.65
N PRO E 29 15.14 -3.89 2.51
CA PRO E 29 13.93 -3.64 3.33
C PRO E 29 14.20 -3.82 4.82
N GLU E 30 13.64 -2.93 5.64
CA GLU E 30 13.75 -3.07 7.08
C GLU E 30 12.37 -2.94 7.67
N GLY E 31 11.87 -4.04 8.22
CA GLY E 31 10.66 -3.95 9.04
C GLY E 31 9.58 -4.91 8.64
N GLU E 32 8.66 -5.10 9.59
CA GLU E 32 7.37 -5.73 9.33
C GLU E 32 6.69 -4.72 8.40
N GLY E 33 6.36 -5.18 7.18
CA GLY E 33 5.59 -4.34 6.27
C GLY E 33 6.41 -3.50 5.33
N ALA E 34 7.73 -3.64 5.38
CA ALA E 34 8.61 -2.99 4.44
C ALA E 34 8.37 -3.44 2.99
N ASP E 36 5.64 -4.71 1.87
CA ASP E 36 4.30 -4.27 1.55
C ASP E 36 4.25 -2.86 1.00
N ARG E 37 5.03 -1.97 1.63
CA ARG E 37 5.15 -0.57 1.21
C ARG E 37 5.91 -0.47 -0.12
N ILE E 38 6.91 -1.34 -0.30
CA ILE E 38 7.72 -1.35 -1.52
C ILE E 38 6.87 -1.74 -2.74
N GLU E 40 3.62 -1.14 -2.95
CA GLU E 40 2.77 0.00 -3.29
C GLU E 40 3.55 0.95 -4.17
N ALA E 41 4.81 1.11 -3.85
CA ALA E 41 5.70 2.03 -4.56
C ALA E 41 5.89 1.50 -6.00
N ALA E 43 3.66 -0.33 -7.79
CA ALA E 43 2.39 0.06 -8.39
C ALA E 43 2.36 1.50 -8.86
N ILE E 44 2.88 2.43 -8.06
CA ILE E 44 2.92 3.85 -8.41
C ILE E 44 3.87 4.08 -9.60
N LEU E 45 4.97 3.34 -9.60
CA LEU E 45 5.95 3.43 -10.67
C LEU E 45 5.49 2.78 -11.99
N ASP E 46 4.82 1.62 -11.90
CA ASP E 46 4.15 0.99 -13.04
C ASP E 46 3.21 1.94 -13.78
N GLY E 47 2.41 2.68 -13.03
CA GLY E 47 1.54 3.73 -13.54
C GLY E 47 2.23 4.96 -14.13
N LEU E 48 3.37 5.36 -13.58
CA LEU E 48 4.09 6.53 -14.07
C LEU E 48 4.89 6.25 -15.35
N ALA E 49 5.53 5.09 -15.42
CA ALA E 49 6.47 4.75 -16.47
C ALA E 49 6.02 5.07 -17.92
N PRO E 50 4.81 4.66 -18.32
CA PRO E 50 4.23 4.97 -19.64
C PRO E 50 4.11 6.47 -19.96
N GLU E 51 4.00 7.29 -18.92
CA GLU E 51 3.88 8.73 -19.06
C GLU E 51 5.23 9.43 -19.22
N LEU E 52 6.33 8.71 -18.99
CA LEU E 52 7.67 9.29 -19.04
C LEU E 52 8.34 8.86 -20.37
N PRO E 53 8.44 9.82 -21.31
CA PRO E 53 8.78 9.38 -22.67
C PRO E 53 10.21 8.83 -22.83
N GLY E 54 11.16 9.33 -22.05
CA GLY E 54 12.53 8.80 -22.14
C GLY E 54 12.78 7.53 -21.33
N LEU E 55 11.81 7.06 -20.56
CA LEU E 55 11.96 5.80 -19.84
CA LEU E 55 11.92 5.81 -19.84
C LEU E 55 11.39 4.70 -20.74
N THR E 56 12.27 3.97 -21.41
CA THR E 56 11.80 3.00 -22.37
C THR E 56 11.47 1.61 -21.77
N GLU E 57 11.91 1.33 -20.56
CA GLU E 57 11.68 0.02 -19.95
C GLU E 57 11.78 0.14 -18.45
N PHE E 58 10.79 -0.45 -17.78
CA PHE E 58 10.76 -0.54 -16.34
C PHE E 58 10.49 -1.98 -15.95
N ARG E 59 11.40 -2.59 -15.21
CA ARG E 59 11.23 -3.95 -14.73
C ARG E 59 11.66 -4.06 -13.28
N HIS E 60 10.89 -4.77 -12.49
CA HIS E 60 11.20 -4.95 -11.08
C HIS E 60 10.86 -6.36 -10.68
N GLY E 61 11.45 -6.86 -9.60
CA GLY E 61 11.15 -8.22 -9.20
C GLY E 61 12.00 -8.67 -8.02
N PRO E 62 11.68 -9.84 -7.44
CA PRO E 62 12.53 -10.35 -6.38
C PRO E 62 13.90 -10.76 -6.90
N ASN E 63 14.90 -10.60 -6.05
CA ASN E 63 16.25 -11.03 -6.35
C ASN E 63 16.39 -12.46 -5.90
N ARG E 64 16.47 -13.35 -6.89
CA ARG E 64 16.66 -14.78 -6.66
C ARG E 64 18.09 -15.14 -6.29
N ASP E 65 19.08 -14.31 -6.66
CA ASP E 65 20.45 -14.48 -6.17
C ASP E 65 20.89 -15.92 -6.13
N PHE E 66 20.99 -16.55 -7.30
CA PHE E 66 21.26 -18.00 -7.35
C PHE E 66 22.67 -18.37 -6.90
N GLU E 67 23.58 -17.42 -6.96
CA GLU E 67 24.94 -17.60 -6.44
C GLU E 67 25.15 -17.10 -5.00
N GLN E 68 24.12 -16.53 -4.38
CA GLN E 68 24.25 -16.03 -3.01
C GLN E 68 25.35 -14.97 -2.90
N LYS E 69 25.35 -14.02 -3.84
CA LYS E 69 26.35 -12.95 -3.86
C LYS E 69 25.71 -11.57 -3.73
N SER E 70 24.50 -11.52 -3.17
CA SER E 70 23.74 -10.28 -2.99
C SER E 70 22.56 -10.48 -2.03
N GLU E 71 22.79 -11.21 -0.93
CA GLU E 71 21.72 -11.55 0.02
C GLU E 71 21.08 -10.29 0.69
N ARG E 72 21.89 -9.24 0.83
CA ARG E 72 21.48 -7.93 1.33
C ARG E 72 20.26 -7.31 0.62
N TYR E 73 20.09 -7.65 -0.66
CA TYR E 73 19.14 -6.97 -1.54
C TYR E 73 18.09 -7.92 -2.13
N PRO E 74 17.00 -8.16 -1.38
CA PRO E 74 15.98 -9.14 -1.80
C PRO E 74 15.06 -8.71 -2.94
N TYR E 75 15.03 -7.42 -3.23
CA TYR E 75 14.16 -6.89 -4.23
C TYR E 75 14.89 -5.76 -4.96
N GLY E 76 14.61 -5.57 -6.24
CA GLY E 76 15.08 -4.33 -6.91
C GLY E 76 14.39 -4.09 -8.23
N PHE E 77 14.87 -3.06 -8.94
CA PHE E 77 14.31 -2.74 -10.23
C PHE E 77 15.28 -2.03 -11.15
N LEU E 78 14.87 -1.94 -12.42
CA LEU E 78 15.66 -1.32 -13.48
C LEU E 78 14.82 -0.38 -14.34
N CYS E 79 15.31 0.83 -14.50
CA CYS E 79 14.79 1.77 -15.46
C CYS E 79 15.79 1.98 -16.58
N THR E 80 15.35 1.83 -17.82
CA THR E 80 16.19 2.13 -18.99
C THR E 80 15.80 3.53 -19.51
N PHE E 81 16.75 4.45 -19.52
CA PHE E 81 16.53 5.82 -19.98
C PHE E 81 17.32 6.12 -21.27
N THR E 82 16.73 6.91 -22.18
CA THR E 82 17.39 7.28 -23.41
C THR E 82 18.61 8.17 -23.17
N ASP E 83 18.49 9.11 -22.24
CA ASP E 83 19.60 10.00 -21.91
C ASP E 83 19.49 10.53 -20.48
N LYS E 84 20.46 11.34 -20.06
CA LYS E 84 20.51 11.88 -18.70
C LYS E 84 19.32 12.78 -18.39
N ALA E 85 18.87 13.53 -19.38
CA ALA E 85 17.69 14.37 -19.29
C ALA E 85 16.41 13.56 -18.97
N ALA E 86 16.28 12.37 -19.55
CA ALA E 86 15.13 11.49 -19.27
C ALA E 86 15.21 10.98 -17.84
N LEU E 87 16.43 10.68 -17.38
CA LEU E 87 16.66 10.32 -15.96
C LEU E 87 16.28 11.45 -15.02
N ASP E 88 16.66 12.67 -15.33
CA ASP E 88 16.39 13.85 -14.47
C ASP E 88 14.89 14.15 -14.38
N ALA E 89 14.19 14.05 -15.51
CA ALA E 89 12.73 14.22 -15.60
C ALA E 89 12.01 13.20 -14.72
N TYR E 90 12.43 11.95 -14.80
CA TYR E 90 11.93 10.90 -13.92
C TYR E 90 12.18 11.22 -12.44
N ALA E 91 13.41 11.65 -12.10
CA ALA E 91 13.85 11.94 -10.72
C ALA E 91 12.98 12.99 -10.05
N VAL E 92 12.78 14.11 -10.74
CA VAL E 92 12.04 15.29 -10.24
C VAL E 92 10.52 15.13 -10.30
N HIS E 93 10.05 14.26 -11.18
CA HIS E 93 8.62 14.03 -11.27
C HIS E 93 7.99 13.85 -9.89
N PRO E 94 6.90 14.58 -9.57
CA PRO E 94 6.27 14.41 -8.27
C PRO E 94 5.80 13.00 -7.88
N THR E 95 5.31 12.24 -8.84
CA THR E 95 4.87 10.86 -8.59
C THR E 95 6.07 9.95 -8.32
N HIS E 96 7.19 10.22 -9.00
CA HIS E 96 8.39 9.52 -8.68
C HIS E 96 8.83 9.82 -7.24
N GLN E 97 8.88 11.09 -6.89
CA GLN E 97 9.29 11.48 -5.55
C GLN E 97 8.48 10.81 -4.46
N ARG E 98 7.17 10.64 -4.67
CA ARG E 98 6.31 10.00 -3.68
C ARG E 98 6.75 8.56 -3.48
N ALA E 99 6.91 7.85 -4.59
CA ALA E 99 7.46 6.49 -4.62
C ALA E 99 8.88 6.41 -4.04
N GLY E 100 9.77 7.33 -4.42
CA GLY E 100 11.08 7.48 -3.82
C GLY E 100 11.10 7.66 -2.29
N GLY E 101 10.19 8.47 -1.72
CA GLY E 101 10.10 8.59 -0.28
C GLY E 101 9.66 7.27 0.36
N LEU E 103 10.25 4.20 -0.72
CA LEU E 103 11.36 3.28 -0.75
C LEU E 103 12.43 3.63 0.25
N VAL E 104 12.73 4.93 0.40
CA VAL E 104 13.68 5.39 1.44
C VAL E 104 13.23 5.03 2.87
N ALA E 105 11.98 5.31 3.22
CA ALA E 105 11.42 4.98 4.52
C ALA E 105 11.21 3.49 4.74
N SER E 106 11.31 2.68 3.69
CA SER E 106 11.19 1.22 3.78
C SER E 106 12.54 0.49 3.92
N CYS E 107 13.65 1.22 3.79
CA CYS E 107 14.97 0.61 3.75
C CYS E 107 15.79 0.92 5.00
N ARG E 108 16.66 -0.03 5.32
CA ARG E 108 17.52 0.02 6.46
C ARG E 108 18.44 1.23 6.35
N ASN E 109 18.41 2.06 7.37
CA ASN E 109 19.12 3.35 7.38
C ASN E 109 18.68 4.33 6.31
N GLY E 110 17.45 4.15 5.83
CA GLY E 110 16.86 5.04 4.84
C GLY E 110 17.50 4.95 3.46
N ALA E 111 17.91 6.11 2.97
CA ALA E 111 18.52 6.27 1.66
C ALA E 111 19.81 5.51 1.57
N ASP E 112 20.45 5.28 2.72
CA ASP E 112 21.67 4.48 2.80
C ASP E 112 21.45 2.97 2.63
N GLY E 113 20.21 2.47 2.65
CA GLY E 113 19.95 1.02 2.46
C GLY E 113 19.51 0.76 1.03
N ILE E 114 19.88 1.68 0.13
CA ILE E 114 19.47 1.63 -1.29
C ILE E 114 20.73 1.79 -2.13
N LEU E 115 21.06 0.75 -2.90
CA LEU E 115 22.14 0.82 -3.88
C LEU E 115 21.61 1.29 -5.22
N VAL E 116 22.13 2.40 -5.74
CA VAL E 116 21.73 2.96 -7.03
C VAL E 116 22.93 2.98 -7.99
N VAL E 117 22.81 2.17 -9.06
CA VAL E 117 23.81 2.05 -10.13
C VAL E 117 23.25 2.74 -11.39
N ASP E 118 24.11 3.46 -12.10
CA ASP E 118 23.74 4.14 -13.35
C ASP E 118 24.75 3.75 -14.43
N LEU E 119 24.51 2.60 -15.07
CA LEU E 119 25.42 2.12 -16.11
C LEU E 119 25.17 2.80 -17.44
N GLU E 120 26.23 3.37 -18.03
CA GLU E 120 26.15 3.96 -19.37
C GLU E 120 26.55 2.91 -20.41
N VAL E 121 25.59 2.45 -21.21
CA VAL E 121 25.71 1.24 -22.05
C VAL E 121 25.29 1.45 -23.51
N GLY F 19 9.95 -15.82 -14.02
CA GLY F 19 9.91 -15.78 -15.52
C GLY F 19 11.24 -15.35 -16.11
N LEU F 21 14.76 -13.39 -16.41
CA LEU F 21 15.79 -13.12 -15.39
C LEU F 21 16.79 -12.08 -15.85
N TYR F 22 16.97 -11.05 -15.02
CA TYR F 22 17.95 -9.98 -15.25
C TYR F 22 19.16 -10.23 -14.32
N HIS F 23 20.23 -10.69 -14.92
CA HIS F 23 21.43 -11.08 -14.24
C HIS F 23 22.41 -9.89 -14.31
N LEU F 24 22.52 -9.13 -13.23
CA LEU F 24 23.39 -7.96 -13.16
C LEU F 24 24.63 -8.26 -12.38
N VAL F 25 25.77 -7.86 -12.93
CA VAL F 25 27.05 -8.04 -12.32
C VAL F 25 27.77 -6.69 -12.15
N LEU F 27 31.26 -4.86 -10.48
CA LEU F 27 32.69 -5.26 -10.34
C LEU F 27 33.46 -4.22 -9.55
N GLU F 28 34.38 -4.68 -8.69
CA GLU F 28 35.37 -3.83 -8.04
C GLU F 28 36.79 -4.13 -8.55
N PRO F 29 37.21 -3.46 -9.62
CA PRO F 29 38.50 -3.82 -10.18
C PRO F 29 39.61 -3.49 -9.22
N GLU F 30 40.62 -4.37 -9.11
CA GLU F 30 41.82 -4.14 -8.31
C GLU F 30 43.01 -4.70 -9.03
N GLY F 31 44.01 -3.85 -9.19
CA GLY F 31 45.33 -4.27 -9.65
C GLY F 31 45.73 -3.56 -10.91
N GLU F 32 46.99 -3.70 -11.28
CA GLU F 32 47.49 -3.26 -12.58
C GLU F 32 46.84 -4.15 -13.65
N GLY F 33 46.23 -3.49 -14.65
CA GLY F 33 45.68 -4.17 -15.81
C GLY F 33 44.32 -4.78 -15.57
N ALA F 34 43.66 -4.38 -14.48
CA ALA F 34 42.38 -4.94 -14.04
C ALA F 34 41.32 -4.69 -15.08
N ASP F 36 41.73 -3.70 -18.20
CA ASP F 36 42.12 -4.30 -19.47
C ASP F 36 41.62 -5.73 -19.55
N ARG F 37 41.83 -6.49 -18.50
CA ARG F 37 41.38 -7.87 -18.42
C ARG F 37 39.84 -7.94 -18.35
N ILE F 38 39.20 -7.02 -17.62
CA ILE F 38 37.75 -6.98 -17.59
C ILE F 38 37.14 -6.70 -18.96
N GLU F 40 38.47 -7.58 -21.84
CA GLU F 40 38.54 -8.86 -22.55
C GLU F 40 37.39 -9.75 -22.20
N ALA F 41 37.13 -9.89 -20.91
CA ALA F 41 35.97 -10.68 -20.41
C ALA F 41 34.66 -10.21 -21.02
N ALA F 43 34.13 -8.58 -24.04
CA ALA F 43 34.12 -8.98 -25.44
C ALA F 43 33.81 -10.49 -25.61
N ILE F 44 34.44 -11.30 -24.78
CA ILE F 44 34.14 -12.73 -24.75
C ILE F 44 32.66 -12.96 -24.48
N LEU F 45 32.08 -12.29 -23.48
CA LEU F 45 30.67 -12.45 -23.18
C LEU F 45 29.75 -11.89 -24.26
N ASP F 46 30.14 -10.78 -24.88
CA ASP F 46 29.41 -10.27 -26.02
C ASP F 46 29.38 -11.21 -27.27
N GLY F 47 30.48 -11.84 -27.62
CA GLY F 47 30.47 -12.90 -28.62
C GLY F 47 29.72 -14.19 -28.28
N LEU F 48 29.47 -14.43 -27.00
CA LEU F 48 28.82 -15.66 -26.56
C LEU F 48 27.28 -15.55 -26.58
N ALA F 49 26.75 -14.37 -26.29
CA ALA F 49 25.28 -14.09 -26.33
C ALA F 49 24.52 -14.56 -27.59
N PRO F 50 25.01 -14.23 -28.82
CA PRO F 50 24.38 -14.74 -30.04
C PRO F 50 24.39 -16.25 -30.18
N GLU F 51 25.29 -16.93 -29.46
CA GLU F 51 25.31 -18.42 -29.44
C GLU F 51 24.38 -19.05 -28.40
N LEU F 52 23.90 -18.25 -27.46
CA LEU F 52 22.92 -18.68 -26.45
C LEU F 52 21.52 -18.14 -26.79
N PRO F 53 20.61 -19.02 -27.29
CA PRO F 53 19.22 -18.62 -27.62
C PRO F 53 18.44 -17.98 -26.47
N GLY F 54 18.77 -18.34 -25.23
CA GLY F 54 18.15 -17.77 -24.07
C GLY F 54 18.75 -16.48 -23.53
N LEU F 55 19.93 -16.06 -24.00
CA LEU F 55 20.49 -14.74 -23.62
C LEU F 55 20.10 -13.76 -24.71
N THR F 56 19.15 -12.88 -24.39
CA THR F 56 18.56 -12.08 -25.40
C THR F 56 19.24 -10.73 -25.51
N GLU F 57 19.91 -10.29 -24.45
CA GLU F 57 20.58 -8.99 -24.47
C GLU F 57 21.76 -9.04 -23.51
N PHE F 58 22.92 -8.57 -23.96
CA PHE F 58 24.10 -8.38 -23.13
C PHE F 58 24.51 -6.94 -23.24
N ARG F 59 24.71 -6.26 -22.13
CA ARG F 59 25.14 -4.85 -22.14
C ARG F 59 26.18 -4.67 -21.06
N HIS F 60 27.15 -3.80 -21.28
CA HIS F 60 28.17 -3.53 -20.27
C HIS F 60 28.63 -2.09 -20.33
N GLY F 61 29.01 -1.52 -19.20
CA GLY F 61 29.59 -0.16 -19.26
C GLY F 61 29.96 0.40 -17.90
N PRO F 62 30.50 1.63 -17.89
CA PRO F 62 30.82 2.23 -16.61
C PRO F 62 29.61 2.70 -15.84
N ASN F 63 29.69 2.55 -14.51
CA ASN F 63 28.74 3.09 -13.58
C ASN F 63 29.00 4.58 -13.34
N ARG F 64 28.12 5.43 -13.87
CA ARG F 64 28.21 6.86 -13.68
C ARG F 64 27.75 7.27 -12.29
N ASP F 65 26.93 6.45 -11.65
CA ASP F 65 26.54 6.68 -10.25
C ASP F 65 26.26 8.15 -9.92
N PHE F 66 25.22 8.69 -10.52
CA PHE F 66 24.90 10.11 -10.41
C PHE F 66 24.54 10.50 -8.99
N GLU F 67 24.08 9.55 -8.19
CA GLU F 67 23.65 9.87 -6.83
C GLU F 67 24.71 9.56 -5.80
N GLN F 68 25.83 8.97 -6.25
CA GLN F 68 26.92 8.55 -5.37
C GLN F 68 26.43 7.58 -4.30
N LYS F 69 25.75 6.53 -4.76
CA LYS F 69 25.20 5.46 -3.91
C LYS F 69 25.72 4.10 -4.31
N SER F 70 26.85 4.08 -5.04
CA SER F 70 27.51 2.84 -5.50
C SER F 70 28.98 3.06 -5.94
N GLU F 71 29.70 3.93 -5.25
CA GLU F 71 31.06 4.36 -5.70
C GLU F 71 32.09 3.22 -5.70
N ARG F 72 31.74 2.13 -5.04
CA ARG F 72 32.50 0.90 -4.94
C ARG F 72 32.56 0.09 -6.22
N TYR F 73 31.59 0.31 -7.10
CA TYR F 73 31.41 -0.50 -8.30
C TYR F 73 31.49 0.37 -9.56
N PRO F 74 32.70 0.61 -10.07
CA PRO F 74 32.87 1.49 -11.24
C PRO F 74 32.42 0.93 -12.61
N TYR F 75 32.17 -0.37 -12.70
CA TYR F 75 31.86 -1.03 -13.94
C TYR F 75 30.89 -2.20 -13.67
N GLY F 76 30.04 -2.48 -14.65
CA GLY F 76 29.19 -3.66 -14.58
C GLY F 76 28.55 -4.03 -15.91
N PHE F 77 27.74 -5.08 -15.86
CA PHE F 77 27.07 -5.61 -17.01
C PHE F 77 25.79 -6.33 -16.63
N LEU F 78 24.98 -6.59 -17.66
CA LEU F 78 23.62 -7.15 -17.56
C LEU F 78 23.42 -8.17 -18.64
N CYS F 79 23.03 -9.38 -18.25
CA CYS F 79 22.53 -10.38 -19.17
C CYS F 79 21.06 -10.59 -18.97
N THR F 80 20.28 -10.44 -20.05
CA THR F 80 18.86 -10.80 -20.03
C THR F 80 18.66 -12.24 -20.47
N PHE F 81 18.10 -13.07 -19.58
CA PHE F 81 17.80 -14.47 -19.87
C PHE F 81 16.33 -14.72 -19.89
N THR F 82 15.83 -15.60 -20.78
CA THR F 82 14.40 -15.83 -20.86
C THR F 82 13.90 -16.75 -19.74
N ASP F 83 14.78 -17.59 -19.21
CA ASP F 83 14.43 -18.48 -18.11
C ASP F 83 15.65 -19.03 -17.38
N LYS F 84 15.40 -19.71 -16.26
CA LYS F 84 16.44 -20.32 -15.43
C LYS F 84 17.29 -21.31 -16.21
N ALA F 85 16.70 -22.05 -17.16
CA ALA F 85 17.47 -22.96 -18.01
C ALA F 85 18.45 -22.22 -18.95
N ALA F 86 18.11 -20.99 -19.31
CA ALA F 86 18.98 -20.13 -20.14
C ALA F 86 20.16 -19.68 -19.30
N LEU F 87 19.86 -19.30 -18.06
CA LEU F 87 20.89 -18.88 -17.11
C LEU F 87 21.84 -20.01 -16.79
N ASP F 88 21.31 -21.21 -16.69
CA ASP F 88 22.09 -22.41 -16.37
C ASP F 88 23.04 -22.80 -17.49
N ALA F 89 22.54 -22.75 -18.74
CA ALA F 89 23.34 -22.99 -19.95
C ALA F 89 24.52 -22.01 -20.06
N TYR F 90 24.27 -20.74 -19.78
CA TYR F 90 25.34 -19.71 -19.68
C TYR F 90 26.37 -20.02 -18.56
N ALA F 91 25.87 -20.33 -17.36
CA ALA F 91 26.73 -20.60 -16.20
C ALA F 91 27.80 -21.64 -16.53
N VAL F 92 27.35 -22.80 -17.00
CA VAL F 92 28.25 -23.94 -17.28
C VAL F 92 29.03 -23.85 -18.59
N HIS F 93 28.73 -22.86 -19.43
CA HIS F 93 29.36 -22.78 -20.73
C HIS F 93 30.87 -22.49 -20.58
N PRO F 94 31.75 -23.32 -21.22
CA PRO F 94 33.20 -23.15 -21.07
C PRO F 94 33.72 -21.71 -21.34
N THR F 95 33.12 -21.04 -22.33
CA THR F 95 33.46 -19.66 -22.66
C THR F 95 33.14 -18.73 -21.52
N HIS F 96 32.00 -18.96 -20.87
CA HIS F 96 31.64 -18.18 -19.69
C HIS F 96 32.56 -18.47 -18.51
N GLN F 97 32.83 -19.74 -18.26
CA GLN F 97 33.75 -20.13 -17.20
C GLN F 97 35.13 -19.49 -17.38
N ARG F 98 35.58 -19.34 -18.61
CA ARG F 98 36.81 -18.62 -18.93
C ARG F 98 36.73 -17.12 -18.56
N ALA F 99 35.65 -16.45 -18.99
CA ALA F 99 35.44 -15.02 -18.69
C ALA F 99 35.26 -14.78 -17.20
N GLY F 100 34.50 -15.65 -16.55
CA GLY F 100 34.31 -15.66 -15.08
C GLY F 100 35.60 -15.73 -14.28
N GLY F 101 36.54 -16.58 -14.71
CA GLY F 101 37.86 -16.62 -14.13
C GLY F 101 38.65 -15.32 -14.29
N LEU F 103 37.40 -12.30 -14.48
CA LEU F 103 36.74 -11.34 -13.58
C LEU F 103 37.17 -11.57 -12.15
N VAL F 104 37.05 -12.79 -11.67
CA VAL F 104 37.54 -13.15 -10.32
C VAL F 104 38.99 -12.76 -10.16
N ALA F 105 39.82 -13.01 -11.19
CA ALA F 105 41.25 -12.64 -11.17
C ALA F 105 41.50 -11.11 -11.20
N SER F 106 40.48 -10.33 -11.55
CA SER F 106 40.59 -8.88 -11.80
C SER F 106 39.98 -7.96 -10.71
N CYS F 107 39.29 -8.53 -9.72
CA CYS F 107 38.54 -7.74 -8.75
C CYS F 107 39.11 -7.81 -7.34
N ARG F 108 38.78 -6.81 -6.51
CA ARG F 108 39.34 -6.66 -5.17
C ARG F 108 38.90 -7.85 -4.33
N ASN F 109 39.88 -8.55 -3.76
CA ASN F 109 39.64 -9.78 -2.99
C ASN F 109 38.88 -10.87 -3.79
N GLY F 110 39.21 -11.02 -5.07
CA GLY F 110 38.60 -12.05 -5.93
C GLY F 110 37.09 -11.93 -6.12
N ALA F 111 36.38 -13.06 -5.91
CA ALA F 111 34.92 -13.13 -6.09
C ALA F 111 34.16 -12.29 -5.05
N ASP F 112 34.80 -11.96 -3.93
CA ASP F 112 34.24 -11.04 -2.95
C ASP F 112 34.10 -9.60 -3.46
N GLY F 113 34.83 -9.26 -4.52
CA GLY F 113 34.68 -7.96 -5.19
C GLY F 113 33.74 -7.98 -6.39
N ILE F 114 32.83 -8.95 -6.41
CA ILE F 114 31.79 -9.06 -7.44
C ILE F 114 30.44 -9.23 -6.76
N LEU F 115 29.49 -8.41 -7.18
CA LEU F 115 28.12 -8.45 -6.74
C LEU F 115 27.27 -8.99 -7.89
N VAL F 116 26.54 -10.07 -7.63
CA VAL F 116 25.67 -10.67 -8.64
C VAL F 116 24.21 -10.69 -8.14
N VAL F 117 23.37 -9.93 -8.86
CA VAL F 117 21.93 -9.91 -8.73
C VAL F 117 21.22 -10.73 -9.86
N ASP F 118 20.20 -11.51 -9.49
CA ASP F 118 19.33 -12.24 -10.46
C ASP F 118 17.86 -11.88 -10.24
N LEU F 119 17.41 -10.77 -10.84
CA LEU F 119 16.06 -10.26 -10.63
C LEU F 119 15.09 -11.05 -11.49
N GLU F 120 14.01 -11.53 -10.90
CA GLU F 120 12.98 -12.19 -11.68
C GLU F 120 11.90 -11.17 -12.03
N VAL F 121 11.89 -10.74 -13.26
CA VAL F 121 11.12 -9.59 -13.67
C VAL F 121 9.90 -10.00 -14.53
#